data_8U48
#
_entry.id   8U48
#
_cell.length_a   56.919
_cell.length_b   71.260
_cell.length_c   80.487
_cell.angle_alpha   90.00
_cell.angle_beta   94.63
_cell.angle_gamma   90.00
#
_symmetry.space_group_name_H-M   'P 1 21 1'
#
loop_
_entity.id
_entity.type
_entity.pdbx_description
1 polymer Endo-beta-N-acetylglucosaminidase
2 branched alpha-D-mannopyranose-(1-2)-alpha-D-mannopyranose-(1-2)-alpha-D-mannopyranose-(1-3)-[alpha-D-mannopyranose-(1-2)-alpha-D-mannopyranose-(1-3)-[alpha-D-mannopyranose-(1-2)-alpha-D-mannopyranose-(1-6)]alpha-D-mannopyranose-(1-6)]beta-D-mannopyranose-(1-4)-2-acetamido-2-deoxy-beta-D-glucopyranose-(1-4)-2-acetamido-2-deoxy-beta-D-glucopyranose
3 non-polymer 'PHOSPHATE ION'
4 water water
#
_entity_poly.entity_id   1
_entity_poly.type   'polypeptide(L)'
_entity_poly.pdbx_seq_one_letter_code
;MPVNQSDNNQSEVVTRSATGIKNIVYIEVNDINPLNAGSYIMDDAPFFDYVILFAANIRGVGSDATLYNNPNVQYILDHK
DTLIKPLQDKGIKVLLGLLGDHTGLGFANMNSAQTEQFATAVANAVSQYGLDGVDFADAWAEYGRNGYPSGSTGSFSNLI
TALHNKMPGKTITVFNYGYTSELTGVNSYIDYGIYAFFNSPSWSTGFGMPNSKFAPYTINLNSAPSAASAQLYSGQVASK
GYGAIGYYDLRANNIVSVLNGVAKGAFKSTCTYDGNSYPKNY
;
_entity_poly.pdbx_strand_id   A,B
#
loop_
_chem_comp.id
_chem_comp.type
_chem_comp.name
_chem_comp.formula
BMA D-saccharide, beta linking beta-D-mannopyranose 'C6 H12 O6'
MAN D-saccharide, alpha linking alpha-D-mannopyranose 'C6 H12 O6'
NAG D-saccharide, beta linking 2-acetamido-2-deoxy-beta-D-glucopyranose 'C8 H15 N O6'
PO4 non-polymer 'PHOSPHATE ION' 'O4 P -3'
#
# COMPACT_ATOMS: atom_id res chain seq x y z
N THR A 19 4.98 3.83 10.37
CA THR A 19 4.74 3.77 11.81
C THR A 19 5.08 2.39 12.37
N GLY A 20 5.26 2.32 13.68
CA GLY A 20 5.41 1.03 14.32
C GLY A 20 4.16 0.18 14.18
N ILE A 21 4.32 -1.10 14.52
CA ILE A 21 3.21 -2.04 14.47
C ILE A 21 2.18 -1.67 15.52
N LYS A 22 0.89 -1.71 15.14
CA LYS A 22 -0.20 -1.35 16.03
C LYS A 22 -0.90 -2.60 16.53
N ASN A 23 -1.27 -2.61 17.80
CA ASN A 23 -1.99 -3.73 18.40
C ASN A 23 -3.47 -3.37 18.50
N ILE A 24 -4.33 -4.13 17.85
CA ILE A 24 -5.76 -3.81 17.68
C ILE A 24 -6.57 -4.92 18.35
N VAL A 25 -7.36 -4.58 19.37
CA VAL A 25 -8.03 -5.60 20.18
C VAL A 25 -9.55 -5.40 20.15
N TYR A 26 -10.26 -6.50 19.88
CA TYR A 26 -11.72 -6.56 19.93
C TYR A 26 -12.14 -7.11 21.29
N ILE A 27 -12.94 -6.35 22.03
CA ILE A 27 -13.43 -6.80 23.33
C ILE A 27 -14.90 -7.15 23.21
N GLU A 28 -15.26 -8.37 23.62
CA GLU A 28 -16.67 -8.80 23.62
C GLU A 28 -17.31 -8.18 24.86
N VAL A 29 -17.90 -7.00 24.68
CA VAL A 29 -18.40 -6.23 25.81
C VAL A 29 -19.70 -6.76 26.39
N ASN A 30 -20.27 -7.83 25.82
CA ASN A 30 -21.33 -8.54 26.53
C ASN A 30 -20.81 -9.17 27.82
N ASP A 31 -19.50 -9.47 27.88
CA ASP A 31 -18.88 -10.16 29.02
C ASP A 31 -17.83 -9.35 29.75
N ILE A 32 -17.12 -8.44 29.08
CA ILE A 32 -15.84 -7.94 29.58
C ILE A 32 -15.87 -6.42 29.62
N ASN A 33 -15.45 -5.86 30.74
CA ASN A 33 -15.33 -4.41 30.89
C ASN A 33 -14.16 -3.95 30.02
N PRO A 34 -14.38 -3.00 29.10
CA PRO A 34 -13.30 -2.64 28.16
C PRO A 34 -12.12 -1.95 28.83
N LEU A 35 -12.25 -1.48 30.06
CA LEU A 35 -11.12 -0.88 30.76
C LEU A 35 -9.93 -1.83 30.89
N ASN A 36 -10.15 -3.15 30.87
CA ASN A 36 -9.04 -4.08 31.00
C ASN A 36 -8.00 -3.91 29.91
N ALA A 37 -8.39 -3.36 28.74
CA ALA A 37 -7.41 -3.11 27.69
C ALA A 37 -6.33 -2.14 28.12
N GLY A 38 -6.62 -1.28 29.09
CA GLY A 38 -5.60 -0.34 29.51
C GLY A 38 -4.59 -0.85 30.51
N SER A 39 -4.71 -2.10 30.96
CA SER A 39 -3.88 -2.60 32.05
C SER A 39 -2.53 -3.13 31.58
N TYR A 40 -2.19 -2.96 30.31
CA TYR A 40 -1.01 -3.59 29.74
C TYR A 40 -0.09 -2.51 29.18
N ILE A 41 1.18 -2.57 29.58
CA ILE A 41 2.15 -1.51 29.32
C ILE A 41 3.33 -2.08 28.57
N MET A 42 3.77 -1.36 27.54
CA MET A 42 4.99 -1.68 26.82
C MET A 42 5.70 -0.35 26.51
N ASP A 43 6.94 -0.21 26.98
CA ASP A 43 7.76 0.98 26.70
C ASP A 43 7.10 2.27 27.21
N ASP A 44 6.54 2.21 28.43
CA ASP A 44 5.92 3.36 29.09
C ASP A 44 4.76 3.93 28.27
N ALA A 45 4.01 3.04 27.61
CA ALA A 45 2.84 3.39 26.82
C ALA A 45 1.88 2.20 26.87
N PRO A 46 0.60 2.42 26.56
CA PRO A 46 -0.32 1.27 26.47
C PRO A 46 0.14 0.30 25.39
N PHE A 47 0.14 -0.99 25.72
CA PHE A 47 0.40 -2.03 24.73
C PHE A 47 -0.59 -1.95 23.57
N PHE A 48 -1.87 -1.71 23.87
CA PHE A 48 -2.92 -1.71 22.86
C PHE A 48 -3.09 -0.31 22.27
N ASP A 49 -3.17 -0.23 20.95
CA ASP A 49 -3.32 1.04 20.25
C ASP A 49 -4.77 1.36 19.91
N TYR A 50 -5.54 0.33 19.56
CA TYR A 50 -6.96 0.45 19.27
C TYR A 50 -7.74 -0.60 20.05
N VAL A 51 -8.88 -0.17 20.58
CA VAL A 51 -9.83 -1.03 21.28
C VAL A 51 -11.17 -0.93 20.56
N ILE A 52 -11.72 -2.07 20.16
CA ILE A 52 -13.00 -2.11 19.47
C ILE A 52 -14.05 -2.64 20.42
N LEU A 53 -15.08 -1.82 20.68
CA LEU A 53 -16.22 -2.23 21.49
C LEU A 53 -17.09 -3.12 20.63
N PHE A 54 -17.02 -4.43 20.87
CA PHE A 54 -17.62 -5.43 19.99
C PHE A 54 -18.93 -5.92 20.61
N ALA A 55 -20.07 -5.53 20.03
CA ALA A 55 -20.31 -4.65 18.88
C ALA A 55 -21.73 -4.09 18.91
N ALA A 56 -21.89 -2.92 18.30
CA ALA A 56 -23.20 -2.43 17.89
C ALA A 56 -23.62 -3.15 16.60
N ASN A 57 -24.87 -2.98 16.21
CA ASN A 57 -25.44 -3.77 15.12
C ASN A 57 -26.14 -2.89 14.09
N ILE A 58 -26.05 -3.30 12.83
CA ILE A 58 -26.98 -2.85 11.80
C ILE A 58 -28.21 -3.74 11.84
N ARG A 59 -29.38 -3.13 11.84
CA ARG A 59 -30.65 -3.86 11.82
C ARG A 59 -31.55 -3.24 10.77
N GLY A 60 -32.03 -4.06 9.84
CA GLY A 60 -33.18 -3.64 9.03
C GLY A 60 -34.44 -3.64 9.87
N VAL A 61 -35.19 -2.54 9.80
CA VAL A 61 -36.52 -2.42 10.41
C VAL A 61 -37.43 -1.83 9.33
N GLY A 62 -38.25 -2.66 8.71
CA GLY A 62 -38.96 -2.19 7.52
C GLY A 62 -37.96 -1.71 6.48
N SER A 63 -38.26 -0.58 5.86
CA SER A 63 -37.35 0.01 4.89
C SER A 63 -36.18 0.75 5.53
N ASP A 64 -36.15 0.89 6.85
CA ASP A 64 -35.11 1.68 7.51
C ASP A 64 -33.88 0.83 7.85
N ALA A 65 -32.70 1.45 7.73
CA ALA A 65 -31.45 0.85 8.16
C ALA A 65 -31.04 1.49 9.48
N THR A 66 -31.07 0.72 10.56
CA THR A 66 -30.95 1.31 11.90
C THR A 66 -29.65 0.84 12.54
N LEU A 67 -29.13 1.69 13.41
CA LEU A 67 -28.04 1.35 14.31
C LEU A 67 -28.63 0.92 15.64
N TYR A 68 -28.37 -0.32 16.04
CA TYR A 68 -28.90 -0.89 17.29
C TYR A 68 -27.78 -1.18 18.27
N ASN A 69 -27.87 -0.61 19.48
CA ASN A 69 -26.93 -0.92 20.57
C ASN A 69 -27.64 -1.80 21.59
N ASN A 70 -27.11 -3.01 21.80
CA ASN A 70 -27.70 -3.92 22.80
C ASN A 70 -27.46 -3.34 24.20
N PRO A 71 -28.12 -3.88 25.23
CA PRO A 71 -28.08 -3.19 26.55
C PRO A 71 -26.67 -3.03 27.12
N ASN A 72 -25.74 -3.91 26.77
CA ASN A 72 -24.37 -3.76 27.25
C ASN A 72 -23.64 -2.64 26.52
N VAL A 73 -23.71 -2.61 25.19
CA VAL A 73 -23.10 -1.54 24.42
C VAL A 73 -23.68 -0.19 24.84
N GLN A 74 -25.02 -0.11 24.89
CA GLN A 74 -25.67 1.14 25.28
C GLN A 74 -25.22 1.59 26.67
N TYR A 75 -25.06 0.66 27.60
CA TYR A 75 -24.59 1.04 28.94
C TYR A 75 -23.20 1.70 28.86
N ILE A 76 -22.28 1.09 28.11
CA ILE A 76 -20.93 1.63 27.98
C ILE A 76 -20.97 3.02 27.35
N LEU A 77 -21.78 3.21 26.31
CA LEU A 77 -21.88 4.52 25.68
C LEU A 77 -22.54 5.51 26.63
N ASP A 78 -23.54 5.06 27.39
CA ASP A 78 -24.18 5.89 28.39
C ASP A 78 -23.26 6.26 29.56
N HIS A 79 -22.21 5.48 29.78
CA HIS A 79 -21.26 5.76 30.85
C HIS A 79 -19.87 6.01 30.29
N LYS A 80 -19.81 6.77 29.19
CA LYS A 80 -18.54 7.00 28.50
C LYS A 80 -17.49 7.63 29.40
N ASP A 81 -17.89 8.46 30.36
CA ASP A 81 -16.92 9.12 31.23
C ASP A 81 -16.15 8.11 32.07
N THR A 82 -16.78 7.00 32.45
CA THR A 82 -16.14 6.05 33.35
C THR A 82 -15.66 4.78 32.67
N LEU A 83 -16.16 4.47 31.47
CA LEU A 83 -15.83 3.22 30.81
C LEU A 83 -15.05 3.39 29.51
N ILE A 84 -14.97 4.61 28.96
CA ILE A 84 -14.28 4.86 27.70
C ILE A 84 -13.18 5.90 27.87
N LYS A 85 -13.52 7.06 28.43
CA LYS A 85 -12.55 8.13 28.59
C LYS A 85 -11.23 7.72 29.26
N PRO A 86 -11.19 6.89 30.32
CA PRO A 86 -9.88 6.54 30.90
C PRO A 86 -8.96 5.80 29.94
N LEU A 87 -9.52 5.01 29.00
CA LEU A 87 -8.70 4.45 27.93
C LEU A 87 -8.16 5.56 27.03
N GLN A 88 -9.03 6.50 26.65
CA GLN A 88 -8.64 7.61 25.80
C GLN A 88 -7.63 8.53 26.49
N ASP A 89 -7.74 8.69 27.81
CA ASP A 89 -6.75 9.47 28.57
C ASP A 89 -5.35 8.88 28.47
N LYS A 90 -5.24 7.58 28.23
CA LYS A 90 -3.91 6.96 28.13
C LYS A 90 -3.37 6.96 26.70
N GLY A 91 -4.14 7.47 25.74
CA GLY A 91 -3.74 7.47 24.35
C GLY A 91 -4.38 6.39 23.50
N ILE A 92 -5.18 5.51 24.09
CA ILE A 92 -5.81 4.42 23.35
C ILE A 92 -7.00 4.96 22.57
N LYS A 93 -7.11 4.58 21.29
CA LYS A 93 -8.25 4.95 20.47
C LYS A 93 -9.33 3.90 20.60
N VAL A 94 -10.56 4.35 20.82
CA VAL A 94 -11.68 3.46 21.09
C VAL A 94 -12.64 3.57 19.92
N LEU A 95 -12.93 2.43 19.29
CA LEU A 95 -13.78 2.36 18.12
C LEU A 95 -15.07 1.59 18.45
N LEU A 96 -16.15 1.99 17.78
CA LEU A 96 -17.41 1.26 17.90
C LEU A 96 -17.43 0.14 16.86
N GLY A 97 -17.47 -1.11 17.33
CA GLY A 97 -17.59 -2.22 16.40
C GLY A 97 -19.00 -2.31 15.83
N LEU A 98 -19.08 -2.78 14.58
CA LEU A 98 -20.34 -2.87 13.84
C LEU A 98 -20.46 -4.27 13.28
N LEU A 99 -21.62 -4.90 13.49
CA LEU A 99 -21.79 -6.31 13.21
C LEU A 99 -23.21 -6.55 12.70
N GLY A 100 -23.37 -7.52 11.79
CA GLY A 100 -24.71 -7.91 11.41
C GLY A 100 -25.48 -8.48 12.59
N ASP A 101 -26.80 -8.59 12.42
CA ASP A 101 -27.63 -9.03 13.53
C ASP A 101 -28.89 -9.76 13.05
N HIS A 102 -28.74 -10.63 12.04
CA HIS A 102 -29.76 -11.62 11.65
C HIS A 102 -31.06 -11.01 11.15
N THR A 103 -31.09 -9.75 10.73
CA THR A 103 -32.33 -9.21 10.20
C THR A 103 -32.48 -9.39 8.70
N GLY A 104 -31.41 -9.78 7.99
CA GLY A 104 -31.42 -9.85 6.54
C GLY A 104 -30.80 -8.65 5.85
N LEU A 105 -30.65 -7.53 6.57
CA LEU A 105 -30.01 -6.33 6.05
C LEU A 105 -28.62 -6.21 6.67
N GLY A 106 -27.60 -6.04 5.82
CA GLY A 106 -26.25 -5.86 6.29
C GLY A 106 -25.53 -4.76 5.54
N PHE A 107 -24.19 -4.69 5.70
CA PHE A 107 -23.44 -3.58 5.08
C PHE A 107 -23.47 -3.63 3.56
N ALA A 108 -23.64 -4.82 2.97
CA ALA A 108 -23.42 -5.00 1.55
C ALA A 108 -24.69 -5.08 0.71
N ASN A 109 -25.89 -4.96 1.29
CA ASN A 109 -27.11 -5.09 0.49
C ASN A 109 -28.11 -3.95 0.74
N MET A 110 -27.62 -2.77 1.11
CA MET A 110 -28.51 -1.62 1.27
C MET A 110 -28.73 -0.91 -0.07
N ASN A 111 -29.82 -0.14 -0.13
CA ASN A 111 -30.01 0.79 -1.24
C ASN A 111 -29.38 2.14 -0.87
N SER A 112 -29.47 3.10 -1.79
N SER A 112 -29.49 3.11 -1.78
CA SER A 112 -28.82 4.40 -1.61
CA SER A 112 -28.81 4.39 -1.59
C SER A 112 -29.36 5.12 -0.36
C SER A 112 -29.36 5.15 -0.38
N ALA A 113 -30.67 5.10 -0.17
CA ALA A 113 -31.26 5.80 0.98
C ALA A 113 -30.84 5.14 2.30
N GLN A 114 -30.90 3.81 2.36
CA GLN A 114 -30.47 3.09 3.54
C GLN A 114 -28.99 3.34 3.84
N THR A 115 -28.14 3.36 2.80
CA THR A 115 -26.72 3.65 3.00
C THR A 115 -26.52 5.01 3.66
N GLU A 116 -27.19 6.04 3.13
CA GLU A 116 -27.07 7.39 3.69
C GLU A 116 -27.61 7.45 5.11
N GLN A 117 -28.72 6.76 5.35
CA GLN A 117 -29.34 6.70 6.67
C GLN A 117 -28.43 6.00 7.69
N PHE A 118 -27.86 4.85 7.32
CA PHE A 118 -26.99 4.16 8.25
C PHE A 118 -25.72 4.96 8.52
N ALA A 119 -25.11 5.53 7.47
CA ALA A 119 -23.90 6.31 7.66
C ALA A 119 -24.14 7.53 8.55
N THR A 120 -25.31 8.17 8.40
CA THR A 120 -25.66 9.29 9.28
C THR A 120 -25.74 8.82 10.73
N ALA A 121 -26.38 7.68 10.98
CA ALA A 121 -26.52 7.18 12.35
C ALA A 121 -25.16 6.91 12.97
N VAL A 122 -24.28 6.25 12.23
CA VAL A 122 -22.97 5.88 12.77
C VAL A 122 -22.14 7.12 13.08
N ALA A 123 -22.06 8.05 12.12
CA ALA A 123 -21.31 9.27 12.33
C ALA A 123 -21.83 10.06 13.54
N ASN A 124 -23.16 10.07 13.72
CA ASN A 124 -23.75 10.77 14.87
C ASN A 124 -23.41 10.07 16.19
N ALA A 125 -23.40 8.73 16.19
CA ALA A 125 -23.01 8.00 17.39
C ALA A 125 -21.53 8.24 17.72
N VAL A 126 -20.66 8.24 16.72
CA VAL A 126 -19.24 8.50 16.97
C VAL A 126 -19.04 9.89 17.54
N SER A 127 -19.82 10.86 17.04
CA SER A 127 -19.71 12.22 17.54
C SER A 127 -20.31 12.33 18.94
N GLN A 128 -21.50 11.76 19.15
CA GLN A 128 -22.19 11.91 20.43
C GLN A 128 -21.42 11.28 21.58
N TYR A 129 -20.68 10.19 21.33
CA TYR A 129 -20.04 9.48 22.42
C TYR A 129 -18.53 9.68 22.46
N GLY A 130 -18.03 10.65 21.69
CA GLY A 130 -16.61 10.99 21.68
C GLY A 130 -15.70 9.86 21.30
N LEU A 131 -16.13 9.01 20.36
CA LEU A 131 -15.35 7.85 19.95
C LEU A 131 -14.35 8.23 18.86
N ASP A 132 -13.40 7.33 18.60
CA ASP A 132 -12.32 7.62 17.68
C ASP A 132 -12.56 7.05 16.29
N GLY A 133 -13.70 6.41 16.06
CA GLY A 133 -14.02 5.84 14.78
C GLY A 133 -14.79 4.54 14.95
N VAL A 134 -14.73 3.69 13.92
CA VAL A 134 -15.52 2.46 13.90
C VAL A 134 -14.72 1.33 13.28
N ASP A 135 -15.24 0.10 13.50
CA ASP A 135 -14.77 -1.14 12.88
C ASP A 135 -15.95 -1.86 12.24
N PHE A 136 -15.73 -2.40 11.05
CA PHE A 136 -16.76 -3.13 10.31
C PHE A 136 -16.48 -4.63 10.32
N ALA A 137 -17.46 -5.41 10.76
CA ALA A 137 -17.39 -6.87 10.72
C ALA A 137 -18.67 -7.38 10.05
N ASP A 138 -18.56 -7.67 8.76
CA ASP A 138 -19.69 -8.12 7.93
C ASP A 138 -19.96 -9.61 8.18
N ALA A 139 -20.46 -9.89 9.38
CA ALA A 139 -20.90 -11.23 9.76
C ALA A 139 -22.29 -11.16 10.38
N TRP A 140 -23.07 -12.24 10.21
CA TRP A 140 -24.32 -12.53 10.90
C TRP A 140 -25.49 -11.66 10.45
N ALA A 141 -25.38 -10.95 9.31
CA ALA A 141 -26.53 -10.21 8.79
C ALA A 141 -27.63 -11.12 8.25
N GLU A 142 -27.30 -12.36 7.87
CA GLU A 142 -28.23 -13.32 7.24
C GLU A 142 -28.93 -12.71 6.02
N TYR A 143 -28.10 -12.29 5.06
CA TYR A 143 -28.58 -11.60 3.86
C TYR A 143 -29.73 -12.37 3.22
N GLY A 144 -30.78 -11.65 2.85
CA GLY A 144 -31.91 -12.25 2.17
C GLY A 144 -33.10 -12.54 3.05
N ARG A 145 -32.91 -12.62 4.36
CA ARG A 145 -34.03 -12.81 5.27
C ARG A 145 -34.94 -11.58 5.24
N ASN A 146 -36.21 -11.81 5.59
CA ASN A 146 -37.20 -10.73 5.84
C ASN A 146 -37.40 -9.80 4.64
N GLY A 147 -37.17 -10.27 3.42
CA GLY A 147 -37.49 -9.48 2.25
C GLY A 147 -36.42 -8.53 1.75
N TYR A 148 -35.23 -8.49 2.39
CA TYR A 148 -34.12 -7.72 1.87
C TYR A 148 -33.40 -8.49 0.75
N PRO A 149 -32.64 -7.79 -0.11
CA PRO A 149 -31.92 -8.49 -1.19
C PRO A 149 -30.99 -9.57 -0.66
N SER A 150 -30.93 -10.69 -1.37
CA SER A 150 -30.08 -11.79 -0.93
C SER A 150 -28.63 -11.61 -1.38
N GLY A 151 -28.39 -10.72 -2.33
CA GLY A 151 -27.06 -10.49 -2.85
C GLY A 151 -26.60 -9.06 -2.64
N SER A 152 -25.34 -8.83 -3.00
CA SER A 152 -24.70 -7.53 -2.82
C SER A 152 -25.30 -6.50 -3.77
N THR A 153 -25.54 -5.30 -3.24
CA THR A 153 -25.94 -4.14 -4.02
C THR A 153 -24.77 -3.21 -4.34
N GLY A 154 -23.59 -3.47 -3.80
CA GLY A 154 -22.52 -2.51 -3.89
C GLY A 154 -22.51 -1.47 -2.78
N SER A 155 -23.38 -1.62 -1.79
CA SER A 155 -23.48 -0.58 -0.76
C SER A 155 -22.29 -0.53 0.18
N PHE A 156 -21.48 -1.61 0.27
CA PHE A 156 -20.42 -1.65 1.29
C PHE A 156 -19.36 -0.59 1.00
N SER A 157 -18.92 -0.47 -0.25
CA SER A 157 -17.95 0.57 -0.59
C SER A 157 -18.55 1.97 -0.43
N ASN A 158 -19.80 2.15 -0.86
CA ASN A 158 -20.46 3.43 -0.71
C ASN A 158 -20.62 3.83 0.74
N LEU A 159 -20.80 2.84 1.64
CA LEU A 159 -20.94 3.15 3.06
C LEU A 159 -19.61 3.63 3.63
N ILE A 160 -18.50 2.97 3.27
CA ILE A 160 -17.18 3.45 3.67
C ILE A 160 -16.95 4.85 3.17
N THR A 161 -17.27 5.10 1.89
CA THR A 161 -17.08 6.42 1.31
C THR A 161 -17.88 7.47 2.07
N ALA A 162 -19.13 7.16 2.37
CA ALA A 162 -19.99 8.11 3.08
C ALA A 162 -19.45 8.41 4.47
N LEU A 163 -18.99 7.38 5.20
CA LEU A 163 -18.43 7.59 6.52
C LEU A 163 -17.13 8.38 6.47
N HIS A 164 -16.29 8.14 5.45
CA HIS A 164 -15.07 8.94 5.32
C HIS A 164 -15.42 10.41 5.14
N ASN A 165 -16.46 10.72 4.37
CA ASN A 165 -16.83 12.11 4.15
C ASN A 165 -17.49 12.72 5.39
N LYS A 166 -18.19 11.90 6.19
CA LYS A 166 -18.90 12.43 7.34
C LYS A 166 -18.03 12.54 8.59
N MET A 167 -17.04 11.65 8.77
CA MET A 167 -16.13 11.70 9.91
C MET A 167 -14.70 11.89 9.41
N PRO A 168 -14.34 13.08 8.95
CA PRO A 168 -12.91 13.38 8.74
C PRO A 168 -12.15 13.31 10.05
N GLY A 169 -10.96 12.72 9.98
CA GLY A 169 -10.09 12.61 11.13
C GLY A 169 -10.30 11.37 12.00
N LYS A 170 -11.33 10.58 11.74
CA LYS A 170 -11.61 9.40 12.55
C LYS A 170 -11.14 8.14 11.83
N THR A 171 -11.00 7.07 12.60
CA THR A 171 -10.43 5.81 12.12
C THR A 171 -11.53 4.88 11.59
N ILE A 172 -11.21 4.15 10.51
CA ILE A 172 -12.05 3.06 10.02
C ILE A 172 -11.18 1.82 9.92
N THR A 173 -11.53 0.77 10.64
CA THR A 173 -10.89 -0.53 10.47
C THR A 173 -11.92 -1.52 9.92
N VAL A 174 -11.41 -2.55 9.27
CA VAL A 174 -12.25 -3.57 8.66
C VAL A 174 -11.72 -4.95 9.04
N PHE A 175 -12.56 -5.72 9.71
CA PHE A 175 -12.29 -7.15 9.93
C PHE A 175 -12.52 -7.89 8.63
N ASN A 176 -11.52 -8.64 8.15
CA ASN A 176 -11.53 -9.13 6.78
C ASN A 176 -12.42 -10.38 6.64
N TYR A 177 -13.73 -10.15 6.68
CA TYR A 177 -14.70 -11.23 6.62
C TYR A 177 -16.00 -10.69 6.02
N GLY A 178 -16.67 -11.53 5.23
CA GLY A 178 -17.86 -11.11 4.52
C GLY A 178 -17.51 -10.53 3.16
N TYR A 179 -18.28 -9.54 2.70
CA TYR A 179 -18.12 -8.95 1.37
C TYR A 179 -16.93 -7.99 1.24
N THR A 180 -15.82 -8.25 1.92
CA THR A 180 -14.71 -7.29 1.89
C THR A 180 -13.95 -7.29 0.57
N SER A 181 -14.00 -8.37 -0.23
CA SER A 181 -13.32 -8.32 -1.52
C SER A 181 -13.78 -7.13 -2.37
N GLU A 182 -14.97 -6.59 -2.09
CA GLU A 182 -15.49 -5.47 -2.87
C GLU A 182 -14.83 -4.14 -2.54
N LEU A 183 -14.05 -4.06 -1.47
CA LEU A 183 -13.58 -2.80 -0.90
C LEU A 183 -12.26 -2.30 -1.47
N THR A 184 -11.67 -3.01 -2.44
CA THR A 184 -10.34 -2.63 -2.91
C THR A 184 -10.31 -1.17 -3.40
N GLY A 185 -11.37 -0.74 -4.10
CA GLY A 185 -11.41 0.59 -4.66
C GLY A 185 -11.50 1.71 -3.64
N VAL A 186 -11.91 1.41 -2.41
CA VAL A 186 -12.00 2.43 -1.38
C VAL A 186 -11.00 2.18 -0.25
N ASN A 187 -9.96 1.38 -0.49
CA ASN A 187 -9.12 1.01 0.65
C ASN A 187 -8.25 2.17 1.15
N SER A 188 -8.10 3.26 0.38
CA SER A 188 -7.39 4.43 0.91
C SER A 188 -8.12 5.08 2.07
N TYR A 189 -9.44 4.85 2.21
CA TYR A 189 -10.25 5.33 3.32
C TYR A 189 -10.21 4.41 4.53
N ILE A 190 -9.56 3.26 4.44
CA ILE A 190 -9.53 2.26 5.51
C ILE A 190 -8.13 2.27 6.13
N ASP A 191 -8.06 2.49 7.45
CA ASP A 191 -6.75 2.54 8.12
C ASP A 191 -6.13 1.16 8.30
N TYR A 192 -6.91 0.15 8.69
CA TYR A 192 -6.37 -1.19 8.91
C TYR A 192 -7.37 -2.26 8.51
N GLY A 193 -6.85 -3.36 7.98
CA GLY A 193 -7.60 -4.59 7.79
C GLY A 193 -7.05 -5.68 8.71
N ILE A 194 -7.91 -6.61 9.13
CA ILE A 194 -7.56 -7.59 10.16
C ILE A 194 -7.92 -8.99 9.70
N TYR A 195 -6.94 -9.89 9.72
CA TYR A 195 -7.18 -11.29 9.34
C TYR A 195 -8.20 -11.94 10.29
N ALA A 196 -9.11 -12.74 9.70
CA ALA A 196 -10.32 -13.15 10.41
C ALA A 196 -10.18 -14.43 11.22
N PHE A 197 -9.13 -15.22 11.04
CA PHE A 197 -8.99 -16.47 11.77
C PHE A 197 -7.87 -16.38 12.79
N PHE A 198 -7.92 -17.21 13.82
CA PHE A 198 -7.19 -16.96 15.06
C PHE A 198 -6.02 -17.92 15.23
N ASN A 199 -4.92 -17.38 15.76
CA ASN A 199 -3.80 -18.08 16.38
C ASN A 199 -2.85 -18.71 15.37
N SER A 200 -2.95 -18.36 14.08
CA SER A 200 -2.03 -18.84 13.05
CA SER A 200 -2.03 -18.83 13.05
C SER A 200 -2.03 -17.77 11.95
N PRO A 201 -0.88 -17.26 11.57
CA PRO A 201 -0.86 -16.16 10.58
C PRO A 201 -1.09 -16.63 9.16
N SER A 202 -1.62 -15.72 8.35
CA SER A 202 -1.80 -15.90 6.90
C SER A 202 -1.07 -14.77 6.21
N TRP A 203 0.01 -15.08 5.49
CA TRP A 203 0.89 -14.03 4.96
C TRP A 203 0.33 -13.47 3.66
N SER A 204 -0.79 -12.74 3.80
CA SER A 204 -1.45 -12.07 2.70
C SER A 204 -2.24 -10.89 3.26
N THR A 205 -2.85 -10.11 2.38
CA THR A 205 -3.79 -9.09 2.81
C THR A 205 -5.09 -9.21 2.01
N GLY A 206 -6.16 -8.61 2.55
CA GLY A 206 -7.43 -8.55 1.88
C GLY A 206 -7.68 -7.20 1.24
N PHE A 207 -8.64 -7.18 0.32
CA PHE A 207 -9.07 -6.01 -0.46
C PHE A 207 -7.89 -5.09 -0.82
N GLY A 208 -6.80 -5.73 -1.26
CA GLY A 208 -5.67 -5.01 -1.84
C GLY A 208 -4.89 -4.13 -0.89
N MET A 209 -5.01 -4.33 0.41
CA MET A 209 -4.31 -3.47 1.37
C MET A 209 -2.81 -3.72 1.33
N PRO A 210 -1.99 -2.68 1.42
CA PRO A 210 -0.55 -2.88 1.60
C PRO A 210 -0.27 -3.54 2.94
N ASN A 211 0.87 -4.22 3.01
CA ASN A 211 1.22 -4.94 4.23
C ASN A 211 1.24 -4.03 5.44
N SER A 212 1.62 -2.77 5.25
CA SER A 212 1.74 -1.83 6.36
C SER A 212 0.39 -1.43 6.95
N LYS A 213 -0.73 -1.78 6.29
CA LYS A 213 -2.06 -1.45 6.79
C LYS A 213 -2.87 -2.71 7.11
N PHE A 214 -2.20 -3.82 7.40
CA PHE A 214 -2.91 -5.08 7.60
C PHE A 214 -2.31 -5.85 8.75
N ALA A 215 -3.17 -6.53 9.50
CA ALA A 215 -2.77 -7.47 10.54
C ALA A 215 -2.93 -8.88 9.98
N PRO A 216 -1.84 -9.57 9.62
CA PRO A 216 -1.95 -10.94 9.07
C PRO A 216 -2.08 -12.03 10.13
N TYR A 217 -2.07 -11.66 11.40
CA TYR A 217 -2.02 -12.55 12.54
C TYR A 217 -2.96 -11.98 13.58
N THR A 218 -3.86 -12.80 14.11
CA THR A 218 -4.86 -12.35 15.06
C THR A 218 -5.00 -13.39 16.15
N ILE A 219 -4.71 -12.98 17.39
CA ILE A 219 -4.66 -13.87 18.54
C ILE A 219 -6.01 -13.87 19.25
N ASN A 220 -6.53 -15.06 19.53
CA ASN A 220 -7.68 -15.19 20.44
C ASN A 220 -7.11 -15.24 21.86
N LEU A 221 -7.41 -14.21 22.65
CA LEU A 221 -6.81 -14.12 23.99
C LEU A 221 -7.56 -14.92 25.04
N ASN A 222 -8.67 -15.55 24.67
CA ASN A 222 -9.44 -16.38 25.59
C ASN A 222 -8.97 -17.83 25.48
N SER A 223 -9.07 -18.41 24.28
CA SER A 223 -8.37 -19.65 23.95
C SER A 223 -6.96 -19.30 23.46
N ALA A 224 -6.14 -18.90 24.41
CA ALA A 224 -4.87 -18.26 24.11
C ALA A 224 -3.83 -19.28 23.65
N PRO A 225 -2.97 -18.90 22.70
CA PRO A 225 -1.82 -19.75 22.36
C PRO A 225 -0.72 -19.53 23.39
N SER A 226 0.31 -20.36 23.28
CA SER A 226 1.45 -20.23 24.19
C SER A 226 2.25 -18.96 23.89
N ALA A 227 3.01 -18.52 24.89
CA ALA A 227 3.94 -17.41 24.69
C ALA A 227 4.95 -17.72 23.58
N ALA A 228 5.38 -18.97 23.50
CA ALA A 228 6.36 -19.36 22.47
C ALA A 228 5.79 -19.18 21.06
N SER A 229 4.55 -19.63 20.84
CA SER A 229 3.94 -19.42 19.53
C SER A 229 3.75 -17.95 19.23
N ALA A 230 3.30 -17.16 20.22
CA ALA A 230 3.07 -15.74 19.98
C ALA A 230 4.37 -15.02 19.63
N GLN A 231 5.47 -15.35 20.32
CA GLN A 231 6.77 -14.75 19.99
C GLN A 231 7.26 -15.19 18.61
N LEU A 232 7.10 -16.46 18.26
CA LEU A 232 7.46 -16.96 16.95
C LEU A 232 6.78 -16.16 15.83
N TYR A 233 5.45 -16.10 15.88
CA TYR A 233 4.69 -15.50 14.79
C TYR A 233 4.78 -13.98 14.82
N SER A 234 4.81 -13.38 16.01
CA SER A 234 4.90 -11.92 16.07
C SER A 234 6.23 -11.43 15.53
N GLY A 235 7.31 -12.17 15.76
CA GLY A 235 8.58 -11.85 15.14
C GLY A 235 8.51 -11.91 13.63
N GLN A 236 7.73 -12.85 13.08
CA GLN A 236 7.58 -12.93 11.63
C GLN A 236 6.71 -11.79 11.10
N VAL A 237 5.72 -11.34 11.89
CA VAL A 237 4.94 -10.17 11.49
C VAL A 237 5.85 -8.98 11.23
N ALA A 238 6.80 -8.75 12.16
CA ALA A 238 7.70 -7.61 12.04
C ALA A 238 8.67 -7.77 10.89
N SER A 239 9.32 -8.95 10.78
CA SER A 239 10.33 -9.10 9.75
C SER A 239 9.73 -9.06 8.35
N LYS A 240 8.48 -9.50 8.19
CA LYS A 240 7.85 -9.45 6.87
C LYS A 240 7.22 -8.10 6.57
N GLY A 241 7.28 -7.15 7.51
CA GLY A 241 6.90 -5.77 7.22
C GLY A 241 5.42 -5.44 7.36
N TYR A 242 4.67 -6.20 8.15
CA TYR A 242 3.26 -5.88 8.30
C TYR A 242 3.09 -4.83 9.39
N GLY A 243 1.95 -4.14 9.34
CA GLY A 243 1.72 -2.99 10.19
C GLY A 243 0.86 -3.19 11.42
N ALA A 244 0.29 -4.37 11.64
CA ALA A 244 -0.57 -4.55 12.79
C ALA A 244 -0.62 -6.00 13.21
N ILE A 245 -1.04 -6.21 14.47
CA ILE A 245 -1.42 -7.52 15.01
C ILE A 245 -2.82 -7.38 15.61
N GLY A 246 -3.69 -8.36 15.32
CA GLY A 246 -5.04 -8.36 15.83
C GLY A 246 -5.17 -9.20 17.09
N TYR A 247 -6.17 -8.87 17.90
CA TYR A 247 -6.47 -9.62 19.12
C TYR A 247 -7.99 -9.70 19.27
N TYR A 248 -8.47 -10.82 19.78
CA TYR A 248 -9.90 -10.98 19.94
C TYR A 248 -10.19 -11.61 21.29
N ASP A 249 -11.10 -10.99 22.05
CA ASP A 249 -11.70 -11.58 23.23
C ASP A 249 -10.73 -11.57 24.41
N LEU A 250 -10.06 -10.43 24.60
CA LEU A 250 -9.42 -10.16 25.87
C LEU A 250 -10.41 -10.32 27.00
N ARG A 251 -9.99 -11.03 28.05
CA ARG A 251 -10.85 -11.23 29.21
C ARG A 251 -10.32 -10.39 30.38
N ALA A 252 -10.82 -10.66 31.59
CA ALA A 252 -10.42 -9.90 32.76
C ALA A 252 -9.28 -10.56 33.52
N ASN A 253 -8.83 -11.75 33.10
CA ASN A 253 -7.63 -12.37 33.64
C ASN A 253 -6.37 -11.70 33.09
N ASN A 254 -5.28 -11.81 33.84
CA ASN A 254 -4.01 -11.23 33.42
C ASN A 254 -3.39 -12.14 32.36
N ILE A 255 -3.43 -11.71 31.10
CA ILE A 255 -2.94 -12.51 29.97
C ILE A 255 -1.57 -12.01 29.49
N VAL A 256 -0.84 -11.32 30.37
CA VAL A 256 0.41 -10.69 29.97
C VAL A 256 1.44 -11.71 29.51
N SER A 257 1.36 -12.96 29.95
CA SER A 257 2.28 -13.97 29.43
C SER A 257 2.29 -13.99 27.91
N VAL A 258 1.11 -13.90 27.29
CA VAL A 258 1.02 -13.95 25.83
C VAL A 258 1.49 -12.64 25.22
N LEU A 259 1.09 -11.52 25.79
CA LEU A 259 1.43 -10.22 25.23
C LEU A 259 2.92 -9.94 25.36
N ASN A 260 3.54 -10.45 26.41
CA ASN A 260 4.98 -10.32 26.57
C ASN A 260 5.71 -11.14 25.51
N GLY A 261 5.12 -12.27 25.10
CA GLY A 261 5.65 -12.98 23.95
C GLY A 261 5.63 -12.12 22.69
N VAL A 262 4.51 -11.42 22.45
CA VAL A 262 4.42 -10.54 21.30
C VAL A 262 5.41 -9.39 21.43
N ALA A 263 5.52 -8.82 22.64
CA ALA A 263 6.46 -7.74 22.87
C ALA A 263 7.88 -8.16 22.52
N LYS A 264 8.30 -9.34 22.95
CA LYS A 264 9.66 -9.81 22.62
C LYS A 264 9.81 -10.08 21.13
N GLY A 265 8.77 -10.66 20.50
CA GLY A 265 8.86 -11.02 19.10
C GLY A 265 8.81 -9.85 18.13
N ALA A 266 7.71 -9.10 18.15
CA ALA A 266 7.51 -8.04 17.17
C ALA A 266 8.19 -6.73 17.57
N PHE A 267 8.35 -6.45 18.86
CA PHE A 267 8.81 -5.15 19.31
C PHE A 267 10.18 -5.15 19.96
N LYS A 268 10.80 -6.32 20.15
CA LYS A 268 12.08 -6.44 20.86
C LYS A 268 12.01 -5.73 22.21
N SER A 269 10.90 -5.94 22.91
CA SER A 269 10.64 -5.22 24.16
C SER A 269 10.01 -6.20 25.16
N THR A 270 9.29 -5.67 26.13
CA THR A 270 8.54 -6.47 27.10
C THR A 270 7.21 -5.79 27.38
N CYS A 271 6.25 -6.58 27.83
CA CYS A 271 4.93 -6.09 28.23
C CYS A 271 4.70 -6.48 29.68
N THR A 272 4.19 -5.54 30.48
CA THR A 272 3.89 -5.83 31.88
C THR A 272 2.44 -5.45 32.20
N TYR A 273 1.95 -6.00 33.31
CA TYR A 273 0.60 -5.77 33.82
C TYR A 273 0.64 -4.67 34.87
N ASP A 274 -0.37 -3.79 34.89
CA ASP A 274 -0.39 -2.74 35.90
C ASP A 274 -1.17 -3.15 37.15
N GLY A 275 -1.77 -4.34 37.15
CA GLY A 275 -2.50 -4.86 38.28
C GLY A 275 -4.01 -4.65 38.24
N ASN A 276 -4.52 -3.76 37.38
CA ASN A 276 -5.94 -3.39 37.38
C ASN A 276 -6.77 -4.45 36.67
N SER A 277 -7.62 -5.17 37.42
CA SER A 277 -8.57 -6.10 36.84
C SER A 277 -9.97 -5.55 37.08
N TYR A 278 -10.67 -5.20 35.99
CA TYR A 278 -11.95 -4.49 36.08
C TYR A 278 -13.10 -5.45 35.85
N PRO A 279 -13.99 -5.65 36.81
CA PRO A 279 -15.17 -6.49 36.58
C PRO A 279 -16.21 -5.77 35.73
N LYS A 280 -17.13 -6.57 35.18
CA LYS A 280 -18.34 -6.04 34.54
C LYS A 280 -19.45 -6.11 35.57
N ASN A 281 -19.60 -5.03 36.35
CA ASN A 281 -20.68 -4.89 37.32
C ASN A 281 -21.93 -4.28 36.70
N TYR A 282 -22.16 -4.49 35.42
CA TYR A 282 -23.33 -3.93 34.76
C TYR A 282 -23.84 -4.94 33.75
N THR B 19 18.48 -13.79 -6.85
CA THR B 19 18.28 -12.95 -8.04
C THR B 19 19.50 -12.05 -8.27
N GLY B 20 20.05 -12.12 -9.49
CA GLY B 20 21.22 -11.34 -9.83
C GLY B 20 20.89 -9.87 -10.08
N ILE B 21 21.95 -9.10 -10.34
CA ILE B 21 21.82 -7.66 -10.52
C ILE B 21 21.11 -7.35 -11.83
N LYS B 22 20.12 -6.46 -11.78
CA LYS B 22 19.39 -6.04 -12.97
C LYS B 22 19.89 -4.70 -13.48
N ASN B 23 20.02 -4.59 -14.80
CA ASN B 23 20.37 -3.34 -15.47
C ASN B 23 19.09 -2.67 -15.97
N ILE B 24 18.84 -1.44 -15.53
CA ILE B 24 17.58 -0.73 -15.82
C ILE B 24 17.92 0.58 -16.53
N VAL B 25 17.39 0.78 -17.73
CA VAL B 25 17.79 1.94 -18.53
C VAL B 25 16.58 2.79 -18.91
N TYR B 26 16.69 4.10 -18.68
CA TYR B 26 15.71 5.10 -19.11
C TYR B 26 16.09 5.65 -20.48
N ILE B 27 15.21 5.52 -21.47
CA ILE B 27 15.48 6.04 -22.80
C ILE B 27 14.64 7.30 -23.03
N GLU B 28 15.31 8.41 -23.36
CA GLU B 28 14.65 9.65 -23.73
C GLU B 28 14.14 9.48 -25.16
N VAL B 29 12.91 8.98 -25.28
CA VAL B 29 12.37 8.62 -26.59
C VAL B 29 11.93 9.81 -27.42
N ASN B 30 12.10 11.04 -26.90
CA ASN B 30 12.03 12.19 -27.78
C ASN B 30 13.17 12.20 -28.78
N ASP B 31 14.29 11.55 -28.45
CA ASP B 31 15.50 11.57 -29.24
C ASP B 31 15.87 10.22 -29.83
N ILE B 32 15.65 9.13 -29.08
CA ILE B 32 16.33 7.86 -29.32
C ILE B 32 15.31 6.77 -29.58
N ASN B 33 15.53 6.01 -30.63
CA ASN B 33 14.71 4.83 -30.90
C ASN B 33 14.97 3.79 -29.81
N PRO B 34 13.94 3.34 -29.08
CA PRO B 34 14.21 2.46 -27.93
C PRO B 34 14.78 1.10 -28.30
N LEU B 35 14.65 0.68 -29.57
CA LEU B 35 15.23 -0.60 -29.99
C LEU B 35 16.72 -0.68 -29.74
N ASN B 36 17.43 0.45 -29.62
CA ASN B 36 18.87 0.41 -29.38
C ASN B 36 19.22 -0.30 -28.08
N ALA B 37 18.31 -0.35 -27.10
CA ALA B 37 18.64 -1.06 -25.86
C ALA B 37 18.89 -2.56 -26.08
N GLY B 38 18.32 -3.14 -27.12
CA GLY B 38 18.48 -4.54 -27.40
C GLY B 38 19.78 -4.96 -28.07
N SER B 39 20.65 -4.01 -28.41
CA SER B 39 21.85 -4.30 -29.18
C SER B 39 23.02 -4.74 -28.32
N TYR B 40 22.87 -4.77 -27.01
CA TYR B 40 23.96 -5.09 -26.10
C TYR B 40 23.70 -6.45 -25.47
N ILE B 41 24.73 -7.29 -25.44
CA ILE B 41 24.62 -8.70 -25.08
C ILE B 41 25.65 -9.03 -24.01
N MET B 42 25.21 -9.76 -22.98
CA MET B 42 26.10 -10.28 -21.95
C MET B 42 25.67 -11.70 -21.63
N ASP B 43 26.60 -12.65 -21.73
CA ASP B 43 26.32 -14.05 -21.42
C ASP B 43 25.14 -14.59 -22.24
N ASP B 44 25.15 -14.31 -23.54
CA ASP B 44 24.13 -14.78 -24.48
C ASP B 44 22.73 -14.34 -24.07
N ALA B 45 22.61 -13.19 -23.42
CA ALA B 45 21.30 -12.63 -23.09
C ALA B 45 21.39 -11.11 -23.19
N PRO B 46 20.24 -10.43 -23.25
CA PRO B 46 20.24 -8.96 -23.14
C PRO B 46 21.02 -8.44 -21.93
N PHE B 47 21.88 -7.45 -22.19
CA PHE B 47 22.54 -6.76 -21.07
C PHE B 47 21.51 -6.01 -20.23
N PHE B 48 20.55 -5.37 -20.88
CA PHE B 48 19.53 -4.60 -20.17
C PHE B 48 18.34 -5.50 -19.87
N ASP B 49 17.84 -5.41 -18.63
CA ASP B 49 16.71 -6.22 -18.20
C ASP B 49 15.39 -5.46 -18.30
N TYR B 50 15.40 -4.16 -18.01
CA TYR B 50 14.23 -3.29 -18.07
C TYR B 50 14.58 -2.08 -18.92
N VAL B 51 13.67 -1.68 -19.79
CA VAL B 51 13.80 -0.46 -20.57
C VAL B 51 12.60 0.43 -20.25
N ILE B 52 12.86 1.67 -19.87
CA ILE B 52 11.80 2.61 -19.55
C ILE B 52 11.68 3.61 -20.69
N LEU B 53 10.48 3.71 -21.25
CA LEU B 53 10.17 4.70 -22.27
C LEU B 53 9.90 6.02 -21.57
N PHE B 54 10.91 6.91 -21.58
CA PHE B 54 10.88 8.14 -20.80
C PHE B 54 10.46 9.29 -21.72
N ALA B 55 9.23 9.81 -21.55
CA ALA B 55 8.23 9.45 -20.54
C ALA B 55 6.84 9.94 -20.95
N ALA B 56 5.80 9.18 -20.58
CA ALA B 56 4.44 9.70 -20.59
C ALA B 56 4.27 10.66 -19.40
N ASN B 57 3.18 11.41 -19.39
CA ASN B 57 3.01 12.48 -18.40
C ASN B 57 1.69 12.37 -17.65
N ILE B 58 1.69 12.85 -16.40
CA ILE B 58 0.45 13.19 -15.72
C ILE B 58 0.18 14.67 -15.99
N ARG B 59 -1.05 14.97 -16.42
CA ARG B 59 -1.48 16.34 -16.64
C ARG B 59 -2.82 16.56 -15.95
N GLY B 60 -2.90 17.59 -15.10
CA GLY B 60 -4.19 18.04 -14.61
C GLY B 60 -4.90 18.85 -15.67
N VAL B 61 -6.17 18.50 -15.95
CA VAL B 61 -7.04 19.25 -16.86
C VAL B 61 -8.34 19.53 -16.12
N GLY B 62 -8.50 20.73 -15.59
CA GLY B 62 -9.62 20.95 -14.69
C GLY B 62 -9.51 20.00 -13.51
N SER B 63 -10.62 19.39 -13.14
CA SER B 63 -10.60 18.44 -12.04
C SER B 63 -10.08 17.06 -12.44
N ASP B 64 -9.88 16.79 -13.73
CA ASP B 64 -9.42 15.48 -14.19
C ASP B 64 -7.91 15.33 -14.06
N ALA B 65 -7.48 14.11 -13.71
CA ALA B 65 -6.08 13.69 -13.79
C ALA B 65 -5.93 12.80 -15.01
N THR B 66 -5.13 13.25 -15.98
CA THR B 66 -5.07 12.59 -17.27
C THR B 66 -3.68 12.06 -17.55
N LEU B 67 -3.63 10.99 -18.35
CA LEU B 67 -2.39 10.47 -18.90
C LEU B 67 -2.21 11.06 -20.29
N TYR B 68 -1.12 11.80 -20.48
CA TYR B 68 -0.80 12.43 -21.76
C TYR B 68 0.45 11.79 -22.34
N ASN B 69 0.35 11.33 -23.59
CA ASN B 69 1.49 10.82 -24.34
C ASN B 69 1.84 11.82 -25.43
N ASN B 70 3.06 12.38 -25.39
CA ASN B 70 3.50 13.32 -26.43
C ASN B 70 3.64 12.56 -27.76
N PRO B 71 3.79 13.28 -28.89
CA PRO B 71 3.76 12.58 -30.19
C PRO B 71 4.79 11.48 -30.34
N ASN B 72 5.98 11.63 -29.74
CA ASN B 72 6.98 10.57 -29.82
C ASN B 72 6.57 9.33 -29.04
N VAL B 73 6.11 9.51 -27.80
CA VAL B 73 5.63 8.39 -27.00
C VAL B 73 4.45 7.72 -27.69
N GLN B 74 3.50 8.53 -28.15
CA GLN B 74 2.30 7.96 -28.76
C GLN B 74 2.64 7.21 -30.04
N TYR B 75 3.60 7.72 -30.81
CA TYR B 75 4.05 7.00 -31.99
C TYR B 75 4.58 5.61 -31.63
N ILE B 76 5.41 5.52 -30.60
CA ILE B 76 5.97 4.25 -30.19
C ILE B 76 4.88 3.29 -29.73
N LEU B 77 3.91 3.78 -28.97
CA LEU B 77 2.79 2.94 -28.55
C LEU B 77 1.94 2.51 -29.74
N ASP B 78 1.66 3.43 -30.68
CA ASP B 78 0.88 3.06 -31.88
C ASP B 78 1.61 2.08 -32.78
N HIS B 79 2.94 1.97 -32.64
CA HIS B 79 3.76 1.09 -33.47
C HIS B 79 4.43 0.03 -32.62
N LYS B 80 3.69 -0.51 -31.64
CA LYS B 80 4.28 -1.44 -30.68
C LYS B 80 4.89 -2.66 -31.35
N ASP B 81 4.33 -3.11 -32.48
CA ASP B 81 4.84 -4.33 -33.11
C ASP B 81 6.26 -4.14 -33.64
N THR B 82 6.62 -2.93 -34.05
CA THR B 82 7.93 -2.70 -34.66
C THR B 82 8.94 -2.05 -33.72
N LEU B 83 8.47 -1.37 -32.66
CA LEU B 83 9.32 -0.58 -31.79
C LEU B 83 9.39 -1.07 -30.34
N ILE B 84 8.43 -1.90 -29.90
CA ILE B 84 8.41 -2.46 -28.56
C ILE B 84 8.58 -3.98 -28.58
N LYS B 85 7.73 -4.67 -29.33
CA LYS B 85 7.77 -6.12 -29.35
C LYS B 85 9.17 -6.71 -29.61
N PRO B 86 9.99 -6.21 -30.55
CA PRO B 86 11.32 -6.82 -30.73
C PRO B 86 12.17 -6.84 -29.46
N LEU B 87 12.05 -5.81 -28.59
CA LEU B 87 12.73 -5.87 -27.30
C LEU B 87 12.15 -6.98 -26.43
N GLN B 88 10.82 -7.07 -26.35
CA GLN B 88 10.16 -8.08 -25.53
C GLN B 88 10.45 -9.49 -26.01
N ASP B 89 10.56 -9.69 -27.32
CA ASP B 89 10.95 -10.98 -27.87
C ASP B 89 12.31 -11.45 -27.37
N LYS B 90 13.18 -10.52 -26.96
CA LYS B 90 14.50 -10.89 -26.44
C LYS B 90 14.48 -11.15 -24.94
N GLY B 91 13.35 -10.94 -24.29
CA GLY B 91 13.24 -11.10 -22.85
C GLY B 91 13.36 -9.81 -22.07
N ILE B 92 13.51 -8.69 -22.75
CA ILE B 92 13.59 -7.40 -22.08
C ILE B 92 12.19 -6.96 -21.68
N LYS B 93 12.06 -6.44 -20.48
CA LYS B 93 10.81 -5.88 -20.00
C LYS B 93 10.77 -4.39 -20.35
N VAL B 94 9.65 -3.93 -20.89
CA VAL B 94 9.51 -2.55 -21.34
C VAL B 94 8.43 -1.88 -20.49
N LEU B 95 8.80 -0.81 -19.80
CA LEU B 95 7.91 -0.10 -18.90
C LEU B 95 7.57 1.27 -19.45
N LEU B 96 6.37 1.77 -19.13
CA LEU B 96 6.00 3.14 -19.49
C LEU B 96 6.50 4.08 -18.41
N GLY B 97 7.35 5.03 -18.78
CA GLY B 97 7.81 6.04 -17.81
C GLY B 97 6.73 7.09 -17.59
N LEU B 98 6.66 7.60 -16.37
CA LEU B 98 5.61 8.53 -15.94
C LEU B 98 6.29 9.73 -15.29
N LEU B 99 5.95 10.94 -15.74
CA LEU B 99 6.68 12.14 -15.34
C LEU B 99 5.69 13.30 -15.22
N GLY B 100 5.96 14.21 -14.28
CA GLY B 100 5.16 15.42 -14.22
C GLY B 100 5.31 16.28 -15.46
N ASP B 101 4.39 17.22 -15.64
CA ASP B 101 4.40 17.99 -16.89
C ASP B 101 3.85 19.40 -16.67
N HIS B 102 4.27 20.07 -15.59
CA HIS B 102 4.13 21.50 -15.39
C HIS B 102 2.69 21.99 -15.27
N THR B 103 1.70 21.12 -15.11
CA THR B 103 0.31 21.59 -14.98
C THR B 103 -0.05 21.97 -13.55
N GLY B 104 0.76 21.60 -12.56
CA GLY B 104 0.45 21.81 -11.16
C GLY B 104 -0.03 20.57 -10.45
N LEU B 105 -0.45 19.55 -11.18
CA LEU B 105 -0.92 18.29 -10.62
C LEU B 105 0.13 17.22 -10.87
N GLY B 106 0.44 16.45 -9.84
CA GLY B 106 1.44 15.40 -9.93
C GLY B 106 1.03 14.21 -9.10
N PHE B 107 1.94 13.24 -8.93
CA PHE B 107 1.58 11.99 -8.25
C PHE B 107 1.16 12.23 -6.79
N ALA B 108 1.65 13.30 -6.18
CA ALA B 108 1.62 13.45 -4.73
C ALA B 108 0.55 14.42 -4.24
N ASN B 109 -0.21 15.07 -5.13
CA ASN B 109 -1.19 16.06 -4.67
C ASN B 109 -2.56 15.84 -5.29
N MET B 110 -2.90 14.61 -5.64
CA MET B 110 -4.24 14.31 -6.13
C MET B 110 -5.22 14.05 -5.01
N ASN B 111 -6.51 14.21 -5.31
CA ASN B 111 -7.55 13.72 -4.42
C ASN B 111 -7.90 12.27 -4.80
N SER B 112 -8.82 11.66 -4.04
CA SER B 112 -9.11 10.24 -4.20
C SER B 112 -9.65 9.91 -5.60
N ALA B 113 -10.52 10.77 -6.14
CA ALA B 113 -11.09 10.52 -7.45
C ALA B 113 -10.04 10.60 -8.55
N GLN B 114 -9.14 11.60 -8.46
CA GLN B 114 -8.08 11.75 -9.45
C GLN B 114 -7.12 10.57 -9.39
N THR B 115 -6.81 10.09 -8.17
CA THR B 115 -5.93 8.94 -8.03
C THR B 115 -6.51 7.71 -8.71
N GLU B 116 -7.78 7.42 -8.45
CA GLU B 116 -8.46 6.31 -9.12
C GLU B 116 -8.48 6.50 -10.63
N GLN B 117 -8.76 7.73 -11.07
CA GLN B 117 -8.82 8.05 -12.49
C GLN B 117 -7.47 7.90 -13.16
N PHE B 118 -6.40 8.39 -12.54
CA PHE B 118 -5.08 8.25 -13.16
C PHE B 118 -4.61 6.80 -13.14
N ALA B 119 -4.85 6.09 -12.02
CA ALA B 119 -4.50 4.68 -11.95
C ALA B 119 -5.18 3.88 -13.05
N THR B 120 -6.46 4.16 -13.29
CA THR B 120 -7.19 3.45 -14.34
C THR B 120 -6.60 3.73 -15.71
N ALA B 121 -6.24 4.99 -15.98
CA ALA B 121 -5.72 5.34 -17.30
C ALA B 121 -4.39 4.65 -17.56
N VAL B 122 -3.54 4.58 -16.53
CA VAL B 122 -2.23 3.94 -16.67
C VAL B 122 -2.39 2.43 -16.88
N ALA B 123 -3.17 1.78 -16.01
CA ALA B 123 -3.42 0.35 -16.16
C ALA B 123 -3.97 0.02 -17.54
N ASN B 124 -4.89 0.85 -18.05
CA ASN B 124 -5.48 0.57 -19.35
C ASN B 124 -4.45 0.67 -20.47
N ALA B 125 -3.57 1.68 -20.40
CA ALA B 125 -2.52 1.81 -21.40
C ALA B 125 -1.53 0.66 -21.34
N VAL B 126 -1.19 0.20 -20.12
CA VAL B 126 -0.29 -0.95 -19.99
C VAL B 126 -0.92 -2.18 -20.62
N SER B 127 -2.22 -2.36 -20.41
CA SER B 127 -2.93 -3.47 -21.04
C SER B 127 -3.00 -3.30 -22.55
N GLN B 128 -3.42 -2.11 -23.01
CA GLN B 128 -3.68 -1.90 -24.42
C GLN B 128 -2.43 -2.10 -25.28
N TYR B 129 -1.27 -1.66 -24.79
CA TYR B 129 -0.06 -1.67 -25.59
C TYR B 129 0.88 -2.82 -25.22
N GLY B 130 0.42 -3.76 -24.39
CA GLY B 130 1.19 -4.93 -24.01
C GLY B 130 2.49 -4.64 -23.29
N LEU B 131 2.49 -3.65 -22.41
CA LEU B 131 3.69 -3.26 -21.69
C LEU B 131 3.88 -4.15 -20.46
N ASP B 132 5.07 -4.06 -19.86
CA ASP B 132 5.39 -4.91 -18.72
C ASP B 132 5.28 -4.18 -17.37
N GLY B 133 4.91 -2.91 -17.37
CA GLY B 133 4.70 -2.15 -16.14
C GLY B 133 5.03 -0.67 -16.35
N VAL B 134 5.38 0.02 -15.25
CA VAL B 134 5.58 1.47 -15.26
C VAL B 134 6.76 1.85 -14.37
N ASP B 135 7.28 3.07 -14.62
CA ASP B 135 8.27 3.71 -13.76
C ASP B 135 7.75 5.09 -13.38
N PHE B 136 7.84 5.43 -12.10
CA PHE B 136 7.40 6.72 -11.60
C PHE B 136 8.59 7.64 -11.37
N ALA B 137 8.55 8.83 -11.96
CA ALA B 137 9.54 9.89 -11.71
C ALA B 137 8.79 11.16 -11.30
N ASP B 138 8.74 11.41 -10.00
CA ASP B 138 8.00 12.56 -9.47
C ASP B 138 8.83 13.82 -9.65
N ALA B 139 8.85 14.31 -10.89
CA ALA B 139 9.57 15.54 -11.20
C ALA B 139 8.75 16.35 -12.20
N TRP B 140 8.92 17.68 -12.11
CA TRP B 140 8.42 18.65 -13.07
C TRP B 140 6.91 18.85 -13.04
N ALA B 141 6.23 18.42 -11.98
CA ALA B 141 4.80 18.68 -11.85
C ALA B 141 4.51 20.15 -11.59
N GLU B 142 5.45 20.89 -11.00
CA GLU B 142 5.24 22.25 -10.51
C GLU B 142 4.02 22.33 -9.60
N TYR B 143 4.05 21.49 -8.55
CA TYR B 143 2.98 21.44 -7.57
C TYR B 143 2.50 22.82 -7.15
N GLY B 144 1.18 23.02 -7.19
CA GLY B 144 0.58 24.26 -6.76
C GLY B 144 0.24 25.21 -7.89
N ARG B 145 0.74 24.96 -9.09
CA ARG B 145 0.34 25.75 -10.24
C ARG B 145 -1.14 25.50 -10.55
N ASN B 146 -1.79 26.50 -11.15
CA ASN B 146 -3.14 26.36 -11.72
C ASN B 146 -4.19 25.95 -10.70
N GLY B 147 -4.04 26.38 -9.44
CA GLY B 147 -5.02 26.12 -8.41
C GLY B 147 -4.97 24.76 -7.75
N TYR B 148 -4.11 23.84 -8.20
CA TYR B 148 -3.99 22.54 -7.54
C TYR B 148 -3.30 22.69 -6.19
N PRO B 149 -3.41 21.69 -5.31
CA PRO B 149 -2.80 21.82 -3.98
C PRO B 149 -1.29 22.00 -4.06
N SER B 150 -0.76 22.89 -3.21
CA SER B 150 0.67 23.16 -3.26
C SER B 150 1.50 22.09 -2.59
N GLY B 151 0.89 21.26 -1.74
CA GLY B 151 1.62 20.28 -0.97
C GLY B 151 1.00 18.90 -1.09
N SER B 152 1.67 17.94 -0.45
CA SER B 152 1.29 16.54 -0.57
C SER B 152 -0.07 16.27 0.05
N THR B 153 -0.88 15.48 -0.66
CA THR B 153 -2.14 14.99 -0.14
C THR B 153 -2.04 13.55 0.38
N GLY B 154 -0.90 12.89 0.21
CA GLY B 154 -0.81 11.49 0.49
C GLY B 154 -1.17 10.58 -0.66
N SER B 155 -1.38 11.13 -1.86
CA SER B 155 -1.85 10.30 -2.98
C SER B 155 -0.74 9.45 -3.60
N PHE B 156 0.53 9.78 -3.41
CA PHE B 156 1.58 9.00 -4.07
C PHE B 156 1.50 7.53 -3.63
N SER B 157 1.36 7.29 -2.33
CA SER B 157 1.29 5.91 -1.85
C SER B 157 0.02 5.22 -2.32
N ASN B 158 -1.11 5.94 -2.29
CA ASN B 158 -2.35 5.34 -2.78
C ASN B 158 -2.30 5.03 -4.26
N LEU B 159 -1.59 5.85 -5.05
CA LEU B 159 -1.47 5.62 -6.48
C LEU B 159 -0.73 4.31 -6.76
N ILE B 160 0.35 4.04 -6.02
CA ILE B 160 1.07 2.78 -6.17
C ILE B 160 0.17 1.61 -5.80
N THR B 161 -0.55 1.73 -4.69
CA THR B 161 -1.47 0.69 -4.25
C THR B 161 -2.54 0.43 -5.31
N ALA B 162 -3.17 1.51 -5.79
CA ALA B 162 -4.24 1.38 -6.78
C ALA B 162 -3.72 0.74 -8.07
N LEU B 163 -2.51 1.10 -8.49
CA LEU B 163 -1.97 0.55 -9.73
C LEU B 163 -1.57 -0.91 -9.56
N HIS B 164 -0.89 -1.25 -8.46
CA HIS B 164 -0.56 -2.64 -8.18
C HIS B 164 -1.81 -3.52 -8.21
N ASN B 165 -2.89 -3.04 -7.61
CA ASN B 165 -4.11 -3.83 -7.58
C ASN B 165 -4.75 -3.96 -8.95
N LYS B 166 -4.56 -2.97 -9.83
CA LYS B 166 -5.16 -3.01 -11.16
C LYS B 166 -4.35 -3.79 -12.19
N MET B 167 -3.02 -3.83 -12.07
CA MET B 167 -2.18 -4.58 -13.00
C MET B 167 -1.35 -5.58 -12.21
N PRO B 168 -1.96 -6.68 -11.78
CA PRO B 168 -1.20 -7.72 -11.08
C PRO B 168 -0.22 -8.40 -12.02
N GLY B 169 0.95 -8.72 -11.49
CA GLY B 169 1.96 -9.39 -12.29
C GLY B 169 2.76 -8.49 -13.17
N LYS B 170 2.62 -7.17 -13.02
CA LYS B 170 3.42 -6.21 -13.76
C LYS B 170 4.43 -5.57 -12.83
N THR B 171 5.39 -4.87 -13.41
CA THR B 171 6.49 -4.30 -12.67
C THR B 171 6.20 -2.84 -12.35
N ILE B 172 6.65 -2.40 -11.17
CA ILE B 172 6.62 -0.99 -10.79
C ILE B 172 8.02 -0.62 -10.30
N THR B 173 8.65 0.35 -10.96
CA THR B 173 9.90 0.91 -10.48
CA THR B 173 9.92 0.93 -10.54
C THR B 173 9.69 2.37 -10.10
N VAL B 174 10.55 2.87 -9.21
CA VAL B 174 10.45 4.24 -8.73
C VAL B 174 11.83 4.89 -8.76
N PHE B 175 11.97 5.94 -9.57
CA PHE B 175 13.14 6.80 -9.56
C PHE B 175 13.13 7.65 -8.28
N ASN B 176 14.18 7.59 -7.47
CA ASN B 176 14.14 8.13 -6.11
C ASN B 176 14.31 9.65 -6.11
N TYR B 177 13.27 10.33 -6.61
CA TYR B 177 13.24 11.79 -6.70
C TYR B 177 11.83 12.29 -6.48
N GLY B 178 11.71 13.42 -5.78
CA GLY B 178 10.37 13.90 -5.49
C GLY B 178 9.89 13.41 -4.15
N TYR B 179 8.56 13.28 -3.96
CA TYR B 179 7.96 12.87 -2.69
C TYR B 179 8.15 11.38 -2.35
N THR B 180 9.27 10.75 -2.71
CA THR B 180 9.37 9.31 -2.48
C THR B 180 9.58 8.92 -1.02
N SER B 181 10.01 9.84 -0.16
CA SER B 181 10.16 9.48 1.25
C SER B 181 8.86 9.01 1.86
N GLU B 182 7.72 9.30 1.23
CA GLU B 182 6.42 8.90 1.74
C GLU B 182 6.08 7.44 1.46
N LEU B 183 6.86 6.76 0.61
CA LEU B 183 6.46 5.50 0.03
C LEU B 183 6.86 4.28 0.85
N THR B 184 7.45 4.46 2.03
CA THR B 184 7.91 3.30 2.80
C THR B 184 6.77 2.30 3.03
N GLY B 185 5.57 2.80 3.34
CA GLY B 185 4.44 1.93 3.63
C GLY B 185 3.96 1.08 2.47
N VAL B 186 4.32 1.43 1.23
CA VAL B 186 3.90 0.61 0.09
C VAL B 186 5.10 0.00 -0.63
N ASN B 187 6.27 -0.10 0.01
CA ASN B 187 7.44 -0.51 -0.78
C ASN B 187 7.42 -2.01 -1.15
N SER B 188 6.57 -2.81 -0.50
CA SER B 188 6.40 -4.19 -0.94
C SER B 188 5.75 -4.29 -2.33
N TYR B 189 5.12 -3.21 -2.80
CA TYR B 189 4.57 -3.11 -4.16
C TYR B 189 5.56 -2.55 -5.18
N ILE B 190 6.75 -2.15 -4.77
CA ILE B 190 7.73 -1.53 -5.65
C ILE B 190 8.87 -2.52 -5.88
N ASP B 191 9.14 -2.84 -7.15
CA ASP B 191 10.16 -3.84 -7.46
C ASP B 191 11.57 -3.29 -7.32
N TYR B 192 11.82 -2.07 -7.81
CA TYR B 192 13.15 -1.46 -7.74
C TYR B 192 13.00 0.03 -7.54
N GLY B 193 13.92 0.61 -6.74
CA GLY B 193 14.11 2.05 -6.66
C GLY B 193 15.46 2.41 -7.26
N ILE B 194 15.56 3.62 -7.82
CA ILE B 194 16.73 4.05 -8.59
C ILE B 194 17.28 5.35 -8.01
N TYR B 195 18.58 5.36 -7.66
CA TYR B 195 19.24 6.59 -7.23
C TYR B 195 19.20 7.63 -8.34
N ALA B 196 18.89 8.89 -7.96
CA ALA B 196 18.52 9.92 -8.94
C ALA B 196 19.69 10.69 -9.53
N PHE B 197 20.90 10.57 -8.99
CA PHE B 197 22.02 11.37 -9.49
C PHE B 197 23.04 10.45 -10.18
N PHE B 198 23.80 11.02 -11.11
CA PHE B 198 24.48 10.22 -12.13
C PHE B 198 25.98 10.13 -11.90
N ASN B 199 26.52 8.97 -12.28
CA ASN B 199 27.95 8.70 -12.44
C ASN B 199 28.73 8.66 -11.13
N SER B 200 28.06 8.63 -9.97
CA SER B 200 28.75 8.48 -8.66
C SER B 200 27.79 7.76 -7.72
N PRO B 201 28.20 6.65 -7.11
CA PRO B 201 27.29 5.88 -6.26
C PRO B 201 27.03 6.56 -4.92
N SER B 202 25.84 6.28 -4.38
CA SER B 202 25.47 6.71 -3.02
C SER B 202 24.98 5.48 -2.27
N TRP B 203 25.72 5.05 -1.25
CA TRP B 203 25.51 3.72 -0.68
C TRP B 203 24.39 3.75 0.37
N SER B 204 23.17 3.92 -0.12
CA SER B 204 21.99 3.88 0.74
C SER B 204 20.80 3.56 -0.14
N THR B 205 19.62 3.57 0.45
CA THR B 205 18.39 3.37 -0.32
C THR B 205 17.35 4.36 0.17
N GLY B 206 16.29 4.49 -0.62
CA GLY B 206 15.16 5.31 -0.27
C GLY B 206 13.97 4.48 0.14
N PHE B 207 13.04 5.15 0.84
CA PHE B 207 11.75 4.62 1.30
C PHE B 207 11.85 3.18 1.80
N GLY B 208 12.81 2.95 2.72
CA GLY B 208 12.96 1.68 3.42
C GLY B 208 13.32 0.46 2.58
N MET B 209 13.74 0.66 1.33
CA MET B 209 13.98 -0.48 0.46
C MET B 209 15.22 -1.26 0.89
N PRO B 210 15.21 -2.59 0.77
CA PRO B 210 16.45 -3.36 0.99
C PRO B 210 17.41 -3.16 -0.18
N ASN B 211 18.70 -3.43 0.09
CA ASN B 211 19.71 -3.26 -0.94
C ASN B 211 19.39 -4.07 -2.18
N SER B 212 18.89 -5.29 -2.00
CA SER B 212 18.58 -6.17 -3.13
C SER B 212 17.53 -5.56 -4.08
N LYS B 213 16.77 -4.56 -3.65
CA LYS B 213 15.75 -3.94 -4.50
C LYS B 213 16.11 -2.52 -4.91
N PHE B 214 17.40 -2.17 -4.92
CA PHE B 214 17.75 -0.78 -5.15
C PHE B 214 18.98 -0.67 -6.05
N ALA B 215 18.99 0.37 -6.90
CA ALA B 215 20.16 0.76 -7.65
C ALA B 215 20.81 1.97 -6.99
N PRO B 216 21.95 1.82 -6.30
CA PRO B 216 22.63 2.97 -5.69
C PRO B 216 23.57 3.73 -6.62
N TYR B 217 23.60 3.35 -7.89
CA TYR B 217 24.56 3.85 -8.85
C TYR B 217 23.83 3.93 -10.18
N THR B 218 23.82 5.12 -10.78
CA THR B 218 23.09 5.35 -12.02
C THR B 218 23.99 6.09 -12.99
N ILE B 219 24.23 5.49 -14.15
CA ILE B 219 25.17 5.98 -15.14
C ILE B 219 24.44 6.80 -16.19
N ASN B 220 24.95 7.96 -16.50
CA ASN B 220 24.48 8.73 -17.64
C ASN B 220 25.28 8.28 -18.86
N LEU B 221 24.60 7.64 -19.81
CA LEU B 221 25.26 7.06 -20.98
C LEU B 221 25.47 8.05 -22.10
N ASN B 222 24.95 9.28 -21.98
CA ASN B 222 25.20 10.35 -22.93
C ASN B 222 26.47 11.11 -22.54
N SER B 223 26.47 11.71 -21.34
CA SER B 223 27.70 12.27 -20.76
C SER B 223 28.36 11.17 -19.90
N ALA B 224 28.94 10.20 -20.61
CA ALA B 224 29.33 8.92 -20.04
C ALA B 224 30.61 9.02 -19.21
N PRO B 225 30.73 8.21 -18.16
CA PRO B 225 31.98 8.13 -17.41
C PRO B 225 32.97 7.27 -18.18
N SER B 226 34.20 7.23 -17.65
CA SER B 226 35.19 6.33 -18.22
C SER B 226 34.83 4.88 -17.91
N ALA B 227 35.35 3.96 -18.75
CA ALA B 227 35.14 2.55 -18.49
C ALA B 227 35.77 2.13 -17.17
N ALA B 228 36.92 2.72 -16.83
CA ALA B 228 37.57 2.37 -15.57
C ALA B 228 36.74 2.79 -14.38
N SER B 229 36.10 3.96 -14.46
CA SER B 229 35.20 4.39 -13.40
C SER B 229 34.03 3.42 -13.27
N ALA B 230 33.40 3.09 -14.40
CA ALA B 230 32.26 2.19 -14.39
C ALA B 230 32.63 0.83 -13.79
N GLN B 231 33.82 0.31 -14.09
CA GLN B 231 34.23 -0.97 -13.53
C GLN B 231 34.49 -0.86 -12.03
N LEU B 232 35.18 0.21 -11.60
CA LEU B 232 35.41 0.45 -10.18
C LEU B 232 34.10 0.43 -9.38
N TYR B 233 33.13 1.24 -9.79
CA TYR B 233 31.92 1.43 -9.00
C TYR B 233 30.98 0.24 -9.12
N SER B 234 30.87 -0.37 -10.31
CA SER B 234 29.96 -1.51 -10.43
C SER B 234 30.44 -2.71 -9.60
N GLY B 235 31.76 -2.88 -9.45
CA GLY B 235 32.23 -3.95 -8.59
C GLY B 235 31.80 -3.75 -7.15
N GLN B 236 31.74 -2.49 -6.71
CA GLN B 236 31.30 -2.18 -5.36
C GLN B 236 29.79 -2.40 -5.19
N VAL B 237 29.01 -2.11 -6.24
CA VAL B 237 27.57 -2.40 -6.22
C VAL B 237 27.34 -3.86 -5.89
N ALA B 238 28.04 -4.75 -6.60
CA ALA B 238 27.88 -6.18 -6.40
C ALA B 238 28.38 -6.61 -5.02
N SER B 239 29.60 -6.19 -4.65
CA SER B 239 30.18 -6.65 -3.40
C SER B 239 29.40 -6.14 -2.19
N LYS B 240 28.71 -5.01 -2.31
CA LYS B 240 27.91 -4.49 -1.21
C LYS B 240 26.48 -5.04 -1.20
N GLY B 241 26.12 -5.91 -2.15
CA GLY B 241 24.84 -6.60 -2.10
C GLY B 241 23.65 -5.89 -2.69
N TYR B 242 23.86 -4.89 -3.56
CA TYR B 242 22.72 -4.23 -4.17
C TYR B 242 22.22 -5.04 -5.35
N GLY B 243 20.97 -4.77 -5.73
CA GLY B 243 20.35 -5.63 -6.70
C GLY B 243 20.15 -5.04 -8.08
N ALA B 244 20.63 -3.82 -8.31
CA ALA B 244 20.36 -3.19 -9.60
C ALA B 244 21.37 -2.08 -9.86
N ILE B 245 21.52 -1.75 -11.14
CA ILE B 245 22.28 -0.60 -11.60
C ILE B 245 21.40 0.16 -12.57
N GLY B 246 21.40 1.50 -12.47
CA GLY B 246 20.56 2.30 -13.32
C GLY B 246 21.33 2.97 -14.44
N TYR B 247 20.61 3.33 -15.50
CA TYR B 247 21.23 3.98 -16.66
C TYR B 247 20.26 5.02 -17.20
N TYR B 248 20.79 6.16 -17.66
CA TYR B 248 19.94 7.20 -18.20
C TYR B 248 20.51 7.69 -19.53
N ASP B 249 19.62 7.89 -20.51
CA ASP B 249 19.93 8.59 -21.76
C ASP B 249 20.92 7.78 -22.62
N LEU B 250 20.62 6.49 -22.79
CA LEU B 250 21.26 5.72 -23.84
C LEU B 250 20.95 6.36 -25.19
N ARG B 251 22.00 6.56 -26.00
CA ARG B 251 21.86 7.15 -27.33
C ARG B 251 22.00 6.06 -28.39
N ALA B 252 22.15 6.46 -29.65
CA ALA B 252 22.25 5.50 -30.74
C ALA B 252 23.68 5.13 -31.10
N ASN B 253 24.68 5.78 -30.48
CA ASN B 253 26.06 5.38 -30.69
C ASN B 253 26.37 4.09 -29.92
N ASN B 254 27.46 3.45 -30.29
CA ASN B 254 27.91 2.24 -29.60
C ASN B 254 28.61 2.62 -28.30
N ILE B 255 27.96 2.40 -27.16
CA ILE B 255 28.51 2.80 -25.86
C ILE B 255 28.98 1.55 -25.12
N VAL B 256 29.33 0.49 -25.86
CA VAL B 256 29.61 -0.77 -25.20
C VAL B 256 30.85 -0.69 -24.32
N SER B 257 31.78 0.23 -24.62
CA SER B 257 32.98 0.38 -23.79
C SER B 257 32.61 0.56 -22.32
N VAL B 258 31.60 1.39 -22.06
CA VAL B 258 31.16 1.61 -20.69
C VAL B 258 30.48 0.36 -20.15
N LEU B 259 29.54 -0.20 -20.91
CA LEU B 259 28.80 -1.36 -20.44
C LEU B 259 29.70 -2.56 -20.21
N ASN B 260 30.75 -2.71 -21.03
CA ASN B 260 31.71 -3.80 -20.79
C ASN B 260 32.47 -3.56 -19.48
N GLY B 261 32.70 -2.30 -19.12
CA GLY B 261 33.25 -2.00 -17.80
C GLY B 261 32.36 -2.49 -16.67
N VAL B 262 31.06 -2.21 -16.76
CA VAL B 262 30.11 -2.73 -15.78
C VAL B 262 30.10 -4.25 -15.78
N ALA B 263 30.10 -4.84 -16.98
CA ALA B 263 30.09 -6.30 -17.07
C ALA B 263 31.30 -6.90 -16.36
N LYS B 264 32.46 -6.27 -16.51
CA LYS B 264 33.67 -6.75 -15.82
C LYS B 264 33.56 -6.54 -14.31
N GLY B 265 32.96 -5.43 -13.90
CA GLY B 265 32.87 -5.10 -12.48
C GLY B 265 31.83 -5.89 -11.72
N ALA B 266 30.56 -5.68 -12.07
CA ALA B 266 29.47 -6.30 -11.33
C ALA B 266 29.27 -7.77 -11.67
N PHE B 267 29.55 -8.17 -12.90
CA PHE B 267 29.14 -9.49 -13.37
C PHE B 267 30.29 -10.44 -13.66
N LYS B 268 31.53 -9.98 -13.55
CA LYS B 268 32.71 -10.80 -13.87
C LYS B 268 32.54 -11.47 -15.23
N SER B 269 32.09 -10.68 -16.20
CA SER B 269 31.86 -11.18 -17.55
C SER B 269 32.23 -10.10 -18.57
N THR B 270 31.59 -10.11 -19.74
CA THR B 270 31.86 -9.13 -20.78
C THR B 270 30.56 -8.74 -21.47
N CYS B 271 30.57 -7.56 -22.07
CA CYS B 271 29.44 -7.06 -22.84
C CYS B 271 29.87 -6.74 -24.26
N THR B 272 29.07 -7.14 -25.24
CA THR B 272 29.36 -6.92 -26.65
C THR B 272 28.18 -6.25 -27.34
N TYR B 273 28.45 -5.68 -28.52
CA TYR B 273 27.47 -4.99 -29.36
C TYR B 273 27.10 -5.90 -30.53
N ASP B 274 25.80 -5.94 -30.89
CA ASP B 274 25.40 -6.78 -32.01
C ASP B 274 25.41 -6.05 -33.36
N GLY B 275 25.80 -4.77 -33.38
CA GLY B 275 25.92 -4.00 -34.60
C GLY B 275 24.72 -3.13 -34.94
N ASN B 276 23.54 -3.42 -34.38
CA ASN B 276 22.30 -2.76 -34.78
C ASN B 276 22.23 -1.34 -34.21
N SER B 277 22.30 -0.34 -35.08
CA SER B 277 22.05 1.05 -34.71
C SER B 277 20.72 1.46 -35.33
N TYR B 278 19.75 1.81 -34.48
CA TYR B 278 18.40 2.13 -34.94
C TYR B 278 18.18 3.63 -34.89
N PRO B 279 17.92 4.30 -36.02
CA PRO B 279 17.64 5.73 -35.99
C PRO B 279 16.21 6.01 -35.58
N LYS B 280 16.00 7.26 -35.17
CA LYS B 280 14.65 7.77 -34.94
C LYS B 280 14.24 8.48 -36.22
N ASN B 281 13.67 7.73 -37.16
N ASN B 281 13.67 7.72 -37.15
CA ASN B 281 13.09 8.32 -38.36
CA ASN B 281 13.08 8.29 -38.36
C ASN B 281 11.60 8.57 -38.21
C ASN B 281 11.59 8.54 -38.20
N TYR B 282 11.18 9.04 -37.04
CA TYR B 282 9.79 9.36 -36.76
C TYR B 282 9.75 10.50 -35.75
C1 NAG C . 18.06 17.80 -10.79
C2 NAG C . 18.17 18.16 -12.27
C3 NAG C . 17.13 17.38 -13.07
C4 NAG C . 17.26 15.88 -12.82
C5 NAG C . 17.19 15.61 -11.32
C6 NAG C . 17.46 14.16 -10.94
C7 NAG C . 19.00 20.35 -12.98
C8 NAG C . 18.67 21.80 -13.16
N2 NAG C . 18.01 19.59 -12.49
O1 NAG C . 19.07 18.44 -10.09
O3 NAG C . 17.28 17.68 -14.46
O4 NAG C . 16.19 15.24 -13.49
O5 NAG C . 18.18 16.39 -10.62
O6 NAG C . 18.63 13.69 -11.61
O7 NAG C . 20.10 19.89 -13.27
C1 NAG C . 16.56 13.96 -14.05
C2 NAG C . 15.31 13.36 -14.75
C3 NAG C . 15.02 14.02 -16.11
C4 NAG C . 16.14 14.95 -16.55
C5 NAG C . 17.46 14.21 -16.38
C6 NAG C . 18.66 14.96 -16.92
C7 NAG C . 14.51 11.06 -14.50
C8 NAG C . 14.80 9.60 -14.74
N2 NAG C . 15.45 11.92 -14.90
O3 NAG C . 13.76 14.69 -16.08
O4 NAG C . 15.95 15.22 -17.95
O5 NAG C . 17.71 13.99 -14.98
O6 NAG C . 18.92 16.11 -16.13
O7 NAG C . 13.47 11.43 -13.96
C1 BMA C . 16.10 16.58 -18.35
C2 BMA C . 16.38 16.54 -19.86
C3 BMA C . 16.48 17.95 -20.43
C4 BMA C . 15.30 18.79 -19.98
C5 BMA C . 15.08 18.71 -18.46
C6 BMA C . 13.79 19.40 -18.03
O2 BMA C . 15.31 15.94 -20.54
O3 BMA C . 16.46 17.92 -21.82
O4 BMA C . 15.53 20.12 -20.37
O5 BMA C . 14.93 17.34 -18.11
O6 BMA C . 12.76 18.74 -18.76
C1 MAN C . 17.80 17.90 -22.37
C2 MAN C . 17.71 18.55 -23.76
C3 MAN C . 16.81 17.71 -24.62
C4 MAN C . 17.35 16.24 -24.68
C5 MAN C . 17.48 15.69 -23.24
C6 MAN C . 18.04 14.26 -23.12
O2 MAN C . 18.98 18.52 -24.44
O3 MAN C . 16.65 18.26 -25.91
O4 MAN C . 16.48 15.42 -25.46
O5 MAN C . 18.32 16.59 -22.47
O6 MAN C . 19.32 14.19 -23.69
C1 MAN C . 19.88 19.57 -24.00
C2 MAN C . 20.79 19.93 -25.19
C3 MAN C . 21.60 18.70 -25.59
C4 MAN C . 22.31 18.08 -24.36
C5 MAN C . 21.31 17.88 -23.21
C6 MAN C . 21.92 17.37 -21.94
O2 MAN C . 21.77 20.89 -24.82
O3 MAN C . 22.53 19.00 -26.60
O4 MAN C . 22.87 16.80 -24.68
O5 MAN C . 20.65 19.13 -22.92
O6 MAN C . 20.83 16.87 -21.15
C1 MAN C . 21.33 22.22 -25.15
C2 MAN C . 22.59 23.09 -25.30
C3 MAN C . 23.29 23.15 -23.95
C4 MAN C . 22.35 23.67 -22.84
C5 MAN C . 21.02 22.86 -22.81
C6 MAN C . 19.95 23.49 -21.93
O2 MAN C . 22.24 24.44 -25.63
O3 MAN C . 24.48 23.94 -24.01
O4 MAN C . 22.98 23.56 -21.57
O5 MAN C . 20.46 22.75 -24.16
O6 MAN C . 18.69 22.90 -22.27
C1 MAN C . 11.48 19.12 -18.23
C2 MAN C . 10.47 18.18 -18.88
C3 MAN C . 10.43 18.42 -20.40
C4 MAN C . 10.25 19.93 -20.71
C5 MAN C . 11.30 20.80 -19.95
C6 MAN C . 11.05 22.30 -20.06
O2 MAN C . 9.16 18.46 -18.41
O3 MAN C . 9.34 17.67 -20.99
O4 MAN C . 10.31 20.15 -22.13
O5 MAN C . 11.21 20.47 -18.52
O6 MAN C . 9.63 22.45 -20.00
C1 MAN C . 9.67 17.07 -22.26
C2 MAN C . 8.34 16.68 -22.92
C3 MAN C . 7.62 15.55 -22.10
C4 MAN C . 8.54 14.34 -21.85
C5 MAN C . 9.95 14.81 -21.31
C6 MAN C . 11.05 13.70 -21.33
O2 MAN C . 8.58 16.20 -24.24
O3 MAN C . 6.41 15.14 -22.71
O4 MAN C . 7.88 13.44 -20.93
O5 MAN C . 10.47 15.92 -22.11
O6 MAN C . 12.29 14.26 -20.72
C1 MAN C . 7.60 16.75 -25.15
C2 MAN C . 7.90 16.25 -26.58
C3 MAN C . 9.20 16.88 -27.09
C4 MAN C . 9.15 18.43 -26.98
C5 MAN C . 8.84 18.82 -25.54
C6 MAN C . 8.74 20.34 -25.31
O2 MAN C . 6.85 16.64 -27.49
O3 MAN C . 9.56 16.48 -28.42
O4 MAN C . 10.41 18.98 -27.34
O5 MAN C . 7.58 18.19 -25.12
O6 MAN C . 7.60 20.82 -26.02
C1 MAN C . 9.23 23.83 -20.17
C2 MAN C . 7.73 23.90 -19.82
C3 MAN C . 6.95 23.05 -20.81
C4 MAN C . 7.23 23.53 -22.24
C5 MAN C . 8.75 23.47 -22.52
C6 MAN C . 9.15 23.98 -23.90
O2 MAN C . 7.26 25.23 -20.02
O3 MAN C . 5.55 23.03 -20.56
O4 MAN C . 6.54 22.72 -23.17
O5 MAN C . 9.48 24.24 -21.50
O6 MAN C . 8.91 25.39 -23.92
C1 MAN C . 6.28 25.59 -19.01
C2 MAN C . 5.61 26.88 -19.48
C3 MAN C . 6.64 28.00 -19.45
C4 MAN C . 7.30 28.10 -18.06
C5 MAN C . 7.94 26.73 -17.73
C6 MAN C . 8.59 26.67 -16.36
O2 MAN C . 4.59 27.29 -18.56
O3 MAN C . 6.09 29.26 -19.83
O4 MAN C . 8.29 29.10 -18.06
O5 MAN C . 6.90 25.75 -17.75
O6 MAN C . 7.59 27.01 -15.40
C1 NAG D . -16.36 -18.44 11.21
C2 NAG D . -16.85 -18.68 12.63
C3 NAG D . -17.25 -17.36 13.27
C4 NAG D . -16.11 -16.34 13.20
C5 NAG D . -15.64 -16.21 11.74
C6 NAG D . -14.42 -15.33 11.55
C7 NAG D . -17.98 -20.74 13.35
C8 NAG D . -19.22 -21.58 13.25
N2 NAG D . -17.98 -19.61 12.64
O1 NAG D . -15.87 -19.63 10.68
O3 NAG D . -17.65 -17.60 14.62
O4 NAG D . -16.63 -15.10 13.67
O5 NAG D . -15.30 -17.49 11.22
O6 NAG D . -13.42 -15.61 12.52
O7 NAG D . -17.02 -21.07 14.06
C1 NAG D . -15.67 -14.29 14.40
C2 NAG D . -16.34 -12.94 14.82
C3 NAG D . -17.36 -13.11 15.94
C4 NAG D . -17.28 -14.49 16.58
C5 NAG D . -15.81 -14.81 16.85
C6 NAG D . -15.59 -16.10 17.62
C7 NAG D . -15.31 -10.71 14.70
C8 NAG D . -16.36 -10.38 13.70
N2 NAG D . -15.34 -11.96 15.19
O3 NAG D . -18.68 -12.76 15.53
O4 NAG D . -17.96 -14.41 17.84
O5 NAG D . -15.11 -14.96 15.60
O6 NAG D . -15.99 -17.24 16.87
O7 NAG D . -14.45 -9.89 15.05
C1 BMA D . -18.81 -15.51 18.15
C2 BMA D . -18.95 -15.48 19.68
C3 BMA D . -19.96 -16.53 20.12
C4 BMA D . -21.25 -16.49 19.27
C5 BMA D . -20.97 -16.41 17.75
C6 BMA D . -22.22 -16.11 16.94
O2 BMA D . -19.45 -14.21 20.12
O3 BMA D . -20.30 -16.36 21.48
O4 BMA D . -22.00 -17.65 19.53
O5 BMA D . -20.06 -15.36 17.48
O6 BMA D . -22.79 -14.93 17.48
C1 MAN D . -19.49 -17.17 22.35
C2 MAN D . -20.36 -17.47 23.57
C3 MAN D . -20.68 -16.14 24.29
C4 MAN D . -19.36 -15.34 24.60
C5 MAN D . -18.53 -15.18 23.32
C6 MAN D . -17.16 -14.53 23.56
O2 MAN D . -19.66 -18.27 24.58
O3 MAN D . -21.41 -16.35 25.45
O4 MAN D . -19.69 -14.06 25.15
O5 MAN D . -18.31 -16.50 22.73
O6 MAN D . -16.39 -15.37 24.39
C1 MAN D . -19.60 -19.67 24.25
C2 MAN D . -19.49 -20.47 25.58
C3 MAN D . -18.27 -19.94 26.32
C4 MAN D . -17.00 -20.03 25.44
C5 MAN D . -17.26 -19.39 24.04
C6 MAN D . -16.12 -19.56 23.04
O2 MAN D . -19.16 -21.83 25.34
O3 MAN D . -18.07 -20.64 27.54
O4 MAN D . -15.90 -19.37 26.08
O5 MAN D . -18.50 -19.93 23.45
O6 MAN D . -15.48 -20.82 23.29
C1 MAN D . -20.33 -22.69 25.39
C2 MAN D . -19.82 -24.15 25.59
C3 MAN D . -19.03 -24.57 24.36
C4 MAN D . -19.84 -24.40 23.07
C5 MAN D . -20.42 -22.97 22.97
C6 MAN D . -21.44 -22.85 21.85
O2 MAN D . -20.91 -25.08 25.68
O3 MAN D . -18.58 -25.92 24.47
O4 MAN D . -19.00 -24.64 21.94
O5 MAN D . -21.10 -22.59 24.22
O6 MAN D . -22.36 -21.81 22.21
C1 MAN D . -23.75 -14.37 16.58
C2 MAN D . -23.97 -12.94 16.99
C3 MAN D . -24.60 -12.88 18.41
C4 MAN D . -25.82 -13.84 18.52
C5 MAN D . -25.47 -15.23 18.00
C6 MAN D . -26.66 -16.19 17.90
O2 MAN D . -24.92 -12.34 16.12
O3 MAN D . -25.00 -11.54 18.76
O4 MAN D . -26.28 -13.91 19.89
O5 MAN D . -24.96 -15.09 16.66
O6 MAN D . -27.73 -15.43 17.33
C1 MAN D . -24.75 -11.17 20.13
C2 MAN D . -25.62 -9.93 20.43
C3 MAN D . -25.15 -8.72 19.57
C4 MAN D . -23.64 -8.47 19.72
C5 MAN D . -22.85 -9.79 19.54
C6 MAN D . -21.36 -9.68 19.97
O2 MAN D . -25.48 -9.58 21.82
O3 MAN D . -25.89 -7.52 19.88
O4 MAN D . -23.19 -7.47 18.78
O5 MAN D . -23.41 -10.86 20.34
O6 MAN D . -20.68 -10.95 19.68
C1 MAN D . -26.77 -9.25 22.39
C2 MAN D . -26.54 -8.95 23.88
C3 MAN D . -26.19 -10.26 24.61
C4 MAN D . -27.24 -11.38 24.37
C5 MAN D . -27.39 -11.59 22.86
C6 MAN D . -28.47 -12.63 22.46
O2 MAN D . -27.74 -8.41 24.47
O3 MAN D . -25.94 -10.07 26.00
O4 MAN D . -26.77 -12.58 24.95
O5 MAN D . -27.72 -10.30 22.23
O6 MAN D . -29.74 -12.06 22.71
C1 MAN D . -28.95 -16.19 17.27
C2 MAN D . -29.96 -15.28 16.53
C3 MAN D . -30.17 -14.04 17.38
C4 MAN D . -30.70 -14.46 18.75
C5 MAN D . -29.65 -15.32 19.41
C6 MAN D . -29.98 -15.78 20.82
O2 MAN D . -31.23 -15.93 16.47
O3 MAN D . -31.01 -13.10 16.78
O4 MAN D . -30.96 -13.30 19.54
O5 MAN D . -29.42 -16.51 18.57
O6 MAN D . -30.88 -16.85 20.73
C1 MAN D . -31.85 -15.70 15.21
C2 MAN D . -33.32 -16.14 15.35
C3 MAN D . -33.38 -17.67 15.52
C4 MAN D . -32.57 -18.38 14.42
C5 MAN D . -31.13 -17.83 14.44
C6 MAN D . -30.20 -18.46 13.41
O2 MAN D . -34.08 -15.85 14.18
O3 MAN D . -34.72 -18.14 15.53
O4 MAN D . -32.54 -19.77 14.68
O5 MAN D . -31.19 -16.42 14.19
O6 MAN D . -30.65 -18.04 12.13
P PO4 E . -31.38 2.86 -5.21
O1 PO4 E . -32.50 3.43 -4.37
O2 PO4 E . -30.25 2.41 -4.31
O3 PO4 E . -31.90 1.69 -6.01
O4 PO4 E . -30.85 3.93 -6.12
P PO4 F . -10.78 13.29 -1.08
O1 PO4 F . -11.23 12.22 -0.12
O2 PO4 F . -11.93 13.71 -1.96
O3 PO4 F . -9.68 12.72 -1.93
O4 PO4 F . -10.25 14.48 -0.31
P PO4 G . 35.87 9.74 -14.93
O1 PO4 G . 34.61 9.24 -15.57
O2 PO4 G . 36.41 10.93 -15.70
O3 PO4 G . 36.86 8.61 -14.97
O4 PO4 G . 35.62 10.13 -13.49
P PO4 H . -16.25 19.11 -12.63
O1 PO4 H . -17.06 17.87 -12.28
O2 PO4 H . -17.05 20.37 -12.38
O3 PO4 H . -15.83 19.03 -14.08
O4 PO4 H . -15.02 19.16 -11.75
#